data_9JBQ
#
_entry.id   9JBQ
#
_cell.length_a   44.680
_cell.length_b   52.005
_cell.length_c   69.964
_cell.angle_alpha   99.02
_cell.angle_beta   104.61
_cell.angle_gamma   115.21
#
_symmetry.space_group_name_H-M   'P 1'
#
loop_
_entity.id
_entity.type
_entity.pdbx_description
1 polymer 'Heavy chain'
2 polymer 'light chain'
3 polymer PcrV
4 water water
#
loop_
_entity_poly.entity_id
_entity_poly.type
_entity_poly.pdbx_seq_one_letter_code
_entity_poly.pdbx_strand_id
1 'polypeptide(L)'
;QVQLVQSGAEVKKPGASVKVSCKASGYSFTSYWMHWVRQAPGQGLEWMGEINPSNGRTNYNEKFNTRVTMTRDTSTSTVY
MELSSLRSEDTAVYYCVLYGNYVVYYTMDYWGQGTTVTVSSASTKGPSVFPLAPCSRSTSESTAALGCLVKDYFPEPVTV
SWNSGALTSGVHTFPAVLQSSGLYSLSSVVTVPSSSLGTKTYTCNVDHKPSNTKVDKRVESKYGPP
;
A
2 'polypeptide(L)'
;DIQLTQSPSFLSASVGDRVTITCSASTSVSYMEWYQQKPGKAPKLLIYTTSKLASGVPSRFSGSGSGTEFTLTISSLQPE
DFATYYCHQWRNYPFTFGQGTKLEIKRAVAAPSVFIFPPSDEQLKSGTASVVCLLNNFYPREAKVQWKVDNALQSGNSQE
SVTEQDSKDSTYSLSSTLTLSKADYEKHKVYACEVTHQGLSSPVTKSFNRGEC
;
B
3 'polypeptide(L)'
;ALLDELKALTAELKVYSVIQSQINAALSAKQGIRIDAGGIDLVDPTLYGYAVGDPRWKDSPEYALLSNLDTFSGKLSIKD
FLSGSPKQSGELKGLSDEYPFEKDNNPVGNFATTVSDRSRPLNDKVNEKTTLLN
;
C
#
# COMPACT_ATOMS: atom_id res chain seq x y z
N VAL A 2 16.26 -11.29 2.31
CA VAL A 2 15.14 -11.23 3.25
C VAL A 2 13.83 -11.71 2.62
N GLN A 3 13.12 -12.59 3.33
CA GLN A 3 11.77 -12.98 2.89
C GLN A 3 10.75 -12.83 4.01
N LEU A 4 9.57 -12.31 3.67
CA LEU A 4 8.45 -12.27 4.61
C LEU A 4 7.28 -13.04 3.99
N VAL A 5 6.92 -14.17 4.60
CA VAL A 5 5.95 -15.07 3.96
C VAL A 5 4.68 -15.16 4.77
N GLN A 6 3.59 -14.64 4.20
CA GLN A 6 2.32 -14.53 4.91
C GLN A 6 1.42 -15.72 4.63
N SER A 7 0.44 -15.91 5.51
CA SER A 7 -0.53 -16.97 5.34
C SER A 7 -1.51 -16.64 4.21
N GLY A 8 -2.30 -17.64 3.83
CA GLY A 8 -3.17 -17.53 2.67
C GLY A 8 -4.45 -16.75 2.92
N ALA A 9 -5.14 -16.42 1.83
CA ALA A 9 -6.33 -15.57 1.88
C ALA A 9 -7.42 -16.14 2.81
N GLU A 10 -8.21 -15.26 3.42
CA GLU A 10 -9.25 -15.75 4.32
C GLU A 10 -10.57 -15.07 4.08
N VAL A 11 -11.64 -15.74 4.50
CA VAL A 11 -12.99 -15.19 4.45
C VAL A 11 -13.60 -15.27 5.85
N LYS A 12 -14.26 -14.20 6.30
CA LYS A 12 -14.83 -14.16 7.66
C LYS A 12 -16.19 -13.50 7.66
N LYS A 13 -17.02 -13.89 8.62
CA LYS A 13 -18.32 -13.24 8.84
C LYS A 13 -18.11 -12.02 9.73
N PRO A 14 -19.03 -11.04 9.67
CA PRO A 14 -18.90 -9.88 10.54
C PRO A 14 -18.96 -10.33 11.99
N GLY A 15 -18.15 -9.72 12.85
CA GLY A 15 -18.12 -10.07 14.26
C GLY A 15 -17.04 -11.07 14.62
N ALA A 16 -16.63 -11.85 13.63
CA ALA A 16 -15.56 -12.83 13.82
C ALA A 16 -14.19 -12.15 13.87
N SER A 17 -13.14 -12.95 13.92
CA SER A 17 -11.79 -12.42 14.02
C SER A 17 -10.93 -13.21 13.05
N VAL A 18 -9.82 -12.61 12.62
CA VAL A 18 -8.92 -13.26 11.68
C VAL A 18 -7.52 -13.18 12.27
N LYS A 19 -6.69 -14.19 12.01
CA LYS A 19 -5.31 -14.21 12.49
C LYS A 19 -4.39 -14.56 11.33
N VAL A 20 -3.55 -13.60 10.95
CA VAL A 20 -2.68 -13.72 9.78
C VAL A 20 -1.26 -13.91 10.30
N SER A 21 -0.48 -14.78 9.67
CA SER A 21 0.87 -14.99 10.14
C SER A 21 1.86 -14.41 9.15
N CYS A 22 3.04 -14.03 9.64
CA CYS A 22 4.09 -13.53 8.77
C CYS A 22 5.40 -14.13 9.24
N LYS A 23 5.94 -15.02 8.39
CA LYS A 23 7.16 -15.77 8.67
C LYS A 23 8.37 -15.04 8.09
N ALA A 24 9.30 -14.66 8.96
CA ALA A 24 10.44 -13.82 8.54
C ALA A 24 11.76 -14.59 8.43
N SER A 25 12.55 -14.26 7.41
CA SER A 25 13.89 -14.83 7.29
C SER A 25 14.88 -13.84 6.65
N GLY A 26 16.17 -14.05 6.89
CA GLY A 26 17.20 -13.33 6.16
C GLY A 26 17.76 -12.13 6.88
N TYR A 27 17.30 -11.91 8.10
CA TYR A 27 17.77 -10.79 8.91
C TYR A 27 17.61 -11.16 10.35
N SER A 28 18.24 -10.39 11.23
CA SER A 28 18.09 -10.62 12.67
C SER A 28 16.66 -10.28 13.14
N PHE A 29 15.82 -11.32 13.28
CA PHE A 29 14.39 -11.18 13.60
C PHE A 29 14.11 -10.24 14.76
N THR A 30 14.83 -10.41 15.87
CA THR A 30 14.50 -9.63 17.07
C THR A 30 15.16 -8.26 17.12
N SER A 31 15.82 -7.87 16.03
CA SER A 31 16.61 -6.65 16.02
C SER A 31 15.84 -5.42 15.51
N TYR A 32 14.69 -5.65 14.88
CA TYR A 32 13.91 -4.58 14.24
C TYR A 32 12.42 -4.79 14.44
N TRP A 33 11.68 -3.69 14.55
CA TRP A 33 10.24 -3.75 14.66
C TRP A 33 9.60 -4.22 13.35
N MET A 34 8.51 -4.97 13.49
CA MET A 34 7.72 -5.42 12.34
C MET A 34 6.40 -4.67 12.29
N HIS A 35 6.02 -4.22 11.10
CA HIS A 35 4.81 -3.43 10.97
C HIS A 35 3.72 -4.17 10.21
N TRP A 36 2.47 -3.71 10.38
CA TRP A 36 1.37 -4.14 9.54
C TRP A 36 0.71 -2.95 8.87
N VAL A 37 0.43 -3.11 7.58
CA VAL A 37 -0.14 -2.05 6.77
C VAL A 37 -1.24 -2.72 5.98
N ARG A 38 -2.37 -2.05 5.80
CA ARG A 38 -3.43 -2.65 5.02
C ARG A 38 -3.90 -1.75 3.90
N GLN A 39 -4.64 -2.33 2.97
CA GLN A 39 -5.15 -1.58 1.84
C GLN A 39 -6.48 -2.15 1.36
N ALA A 40 -7.54 -1.36 1.49
CA ALA A 40 -8.87 -1.79 1.06
C ALA A 40 -8.97 -1.61 -0.46
N PRO A 41 -9.86 -2.38 -1.13
CA PRO A 41 -10.01 -2.31 -2.59
C PRO A 41 -10.19 -0.88 -3.09
N GLY A 42 -9.39 -0.49 -4.09
CA GLY A 42 -9.53 0.81 -4.73
C GLY A 42 -9.06 1.97 -3.88
N GLN A 43 -8.51 1.65 -2.71
CA GLN A 43 -8.12 2.69 -1.77
C GLN A 43 -6.62 2.78 -1.56
N GLY A 44 -6.22 3.60 -0.60
CA GLY A 44 -4.82 3.82 -0.30
C GLY A 44 -4.35 2.93 0.83
N LEU A 45 -3.21 3.31 1.42
CA LEU A 45 -2.55 2.50 2.43
C LEU A 45 -2.72 3.09 3.83
N GLU A 46 -2.82 2.21 4.81
CA GLU A 46 -2.97 2.62 6.20
C GLU A 46 -2.09 1.75 7.08
N TRP A 47 -1.31 2.40 7.94
CA TRP A 47 -0.46 1.73 8.93
C TRP A 47 -1.30 1.29 10.11
N MET A 48 -1.15 0.03 10.51
CA MET A 48 -2.01 -0.52 11.56
C MET A 48 -1.35 -0.52 12.93
N GLY A 49 -0.02 -0.70 12.95
CA GLY A 49 0.71 -0.81 14.19
C GLY A 49 2.00 -1.57 14.00
N GLU A 50 2.70 -1.80 15.10
CA GLU A 50 4.04 -2.38 15.05
C GLU A 50 4.25 -3.24 16.27
N ILE A 51 5.17 -4.19 16.17
CA ILE A 51 5.54 -5.03 17.29
C ILE A 51 7.05 -5.21 17.31
N ASN A 52 7.61 -5.15 18.52
CA ASN A 52 9.04 -5.38 18.75
C ASN A 52 9.19 -6.85 19.08
N PRO A 53 9.81 -7.62 18.18
CA PRO A 53 9.87 -9.07 18.39
C PRO A 53 10.79 -9.53 19.52
N SER A 54 11.70 -8.66 19.98
CA SER A 54 12.57 -9.06 21.08
C SER A 54 11.79 -9.14 22.40
N ASN A 55 10.74 -8.35 22.53
CA ASN A 55 10.05 -8.28 23.81
C ASN A 55 8.52 -8.28 23.77
N GLY A 56 7.93 -8.33 22.58
CA GLY A 56 6.48 -8.41 22.49
C GLY A 56 5.74 -7.09 22.66
N ARG A 57 6.49 -6.01 22.92
CA ARG A 57 5.92 -4.67 23.01
C ARG A 57 5.26 -4.30 21.69
N THR A 58 4.18 -3.53 21.76
CA THR A 58 3.43 -3.16 20.54
C THR A 58 3.02 -1.70 20.62
N ASN A 59 2.79 -1.09 19.46
CA ASN A 59 2.13 0.21 19.39
C ASN A 59 1.16 0.14 18.24
N TYR A 60 -0.10 0.48 18.51
CA TYR A 60 -1.15 0.38 17.50
C TYR A 60 -1.68 1.75 17.10
N ASN A 61 -2.07 1.86 15.84
CA ASN A 61 -2.86 2.99 15.37
C ASN A 61 -4.14 3.02 16.19
N GLU A 62 -4.43 4.18 16.77
CA GLU A 62 -5.59 4.37 17.65
C GLU A 62 -6.86 3.84 17.03
N LYS A 63 -6.92 3.88 15.70
CA LYS A 63 -8.08 3.39 14.96
C LYS A 63 -8.32 1.89 15.17
N PHE A 64 -7.27 1.14 15.50
CA PHE A 64 -7.41 -0.31 15.61
C PHE A 64 -7.11 -0.82 17.01
N ASN A 65 -6.75 0.12 17.88
CA ASN A 65 -6.15 -0.22 19.17
C ASN A 65 -6.95 -1.21 20.04
N THR A 66 -8.28 -1.18 19.94
CA THR A 66 -9.10 -2.08 20.73
C THR A 66 -9.45 -3.37 20.01
N ARG A 67 -9.10 -3.47 18.73
CA ARG A 67 -9.48 -4.65 17.95
C ARG A 67 -8.30 -5.50 17.46
N VAL A 68 -7.11 -4.92 17.48
CA VAL A 68 -5.93 -5.61 16.92
C VAL A 68 -4.96 -6.14 18.00
N THR A 69 -4.43 -7.33 17.75
CA THR A 69 -3.46 -7.91 18.67
C THR A 69 -2.30 -8.45 17.86
N MET A 70 -1.12 -7.91 18.12
CA MET A 70 0.06 -8.45 17.45
C MET A 70 0.87 -9.24 18.44
N THR A 71 1.34 -10.41 18.02
CA THR A 71 2.20 -11.26 18.85
C THR A 71 3.31 -11.82 17.98
N ARG A 72 4.29 -12.45 18.60
CA ARG A 72 5.32 -13.11 17.83
C ARG A 72 5.79 -14.37 18.52
N ASP A 73 6.46 -15.21 17.76
CA ASP A 73 7.16 -16.36 18.30
C ASP A 73 8.61 -16.27 17.83
N THR A 74 9.53 -16.00 18.74
CA THR A 74 10.91 -15.81 18.32
C THR A 74 11.57 -17.10 17.82
N SER A 75 11.17 -18.23 18.36
CA SER A 75 11.73 -19.52 17.95
C SER A 75 11.52 -19.80 16.47
N THR A 76 10.38 -19.38 15.95
CA THR A 76 10.04 -19.64 14.54
C THR A 76 10.10 -18.39 13.66
N SER A 77 10.58 -17.29 14.22
CA SER A 77 10.68 -16.03 13.49
C SER A 77 9.37 -15.64 12.81
N THR A 78 8.26 -15.76 13.53
CA THR A 78 6.95 -15.47 12.97
C THR A 78 6.23 -14.42 13.80
N VAL A 79 5.59 -13.48 13.11
CA VAL A 79 4.72 -12.49 13.74
C VAL A 79 3.25 -12.79 13.37
N TYR A 80 2.33 -12.60 14.30
CA TYR A 80 0.91 -12.78 14.00
C TYR A 80 0.19 -11.45 14.17
N MET A 81 -0.78 -11.19 13.30
CA MET A 81 -1.68 -10.06 13.45
C MET A 81 -3.08 -10.64 13.59
N GLU A 82 -3.72 -10.39 14.71
CA GLU A 82 -5.13 -10.77 14.85
C GLU A 82 -6.02 -9.54 14.91
N LEU A 83 -7.07 -9.55 14.10
CA LEU A 83 -7.99 -8.43 14.07
C LEU A 83 -9.39 -8.97 14.42
N SER A 84 -9.99 -8.42 15.47
CA SER A 84 -11.26 -8.93 15.98
C SER A 84 -12.42 -8.00 15.69
N SER A 85 -13.63 -8.45 16.00
CA SER A 85 -14.88 -7.75 15.70
C SER A 85 -14.91 -7.21 14.28
N LEU A 86 -14.69 -8.12 13.32
CA LEU A 86 -14.52 -7.74 11.94
C LEU A 86 -15.78 -7.12 11.34
N ARG A 87 -15.60 -6.10 10.52
CA ARG A 87 -16.70 -5.57 9.73
C ARG A 87 -16.33 -5.56 8.27
N SER A 88 -17.30 -5.28 7.41
CA SER A 88 -17.03 -5.30 5.97
C SER A 88 -15.97 -4.27 5.58
N GLU A 89 -15.83 -3.21 6.37
CA GLU A 89 -14.83 -2.18 6.07
C GLU A 89 -13.43 -2.71 6.29
N ASP A 90 -13.32 -3.88 6.93
CA ASP A 90 -12.02 -4.50 7.17
C ASP A 90 -11.58 -5.36 6.01
N THR A 91 -12.42 -5.48 4.99
CA THR A 91 -12.03 -6.18 3.77
C THR A 91 -10.85 -5.44 3.12
N ALA A 92 -9.71 -6.13 3.02
CA ALA A 92 -8.47 -5.47 2.62
C ALA A 92 -7.37 -6.50 2.36
N VAL A 93 -6.28 -6.05 1.77
CA VAL A 93 -5.05 -6.82 1.74
C VAL A 93 -4.22 -6.35 2.93
N TYR A 94 -3.71 -7.31 3.72
CA TYR A 94 -2.92 -6.99 4.90
C TYR A 94 -1.47 -7.39 4.61
N TYR A 95 -0.53 -6.48 4.90
CA TYR A 95 0.89 -6.71 4.66
C TYR A 95 1.69 -6.61 5.96
N CYS A 96 2.61 -7.54 6.17
CA CYS A 96 3.64 -7.33 7.19
C CYS A 96 4.81 -6.65 6.49
N VAL A 97 5.49 -5.74 7.18
CA VAL A 97 6.49 -4.89 6.55
C VAL A 97 7.66 -4.69 7.48
N LEU A 98 8.87 -4.77 6.92
CA LEU A 98 10.09 -4.45 7.63
C LEU A 98 10.65 -3.21 6.98
N TYR A 99 10.61 -2.09 7.69
CA TYR A 99 11.12 -0.84 7.15
C TYR A 99 11.65 0.06 8.26
N GLY A 100 11.44 1.36 8.17
CA GLY A 100 11.97 2.26 9.18
C GLY A 100 13.50 2.30 9.21
N ASN A 101 14.07 2.15 10.40
CA ASN A 101 15.51 2.26 10.56
C ASN A 101 16.26 1.17 9.77
N TYR A 102 15.62 0.05 9.49
CA TYR A 102 16.24 -1.01 8.71
C TYR A 102 16.70 -0.49 7.34
N VAL A 103 15.94 0.43 6.76
CA VAL A 103 16.25 0.96 5.45
C VAL A 103 17.51 1.83 5.46
N VAL A 104 17.73 2.56 6.56
CA VAL A 104 18.95 3.36 6.66
C VAL A 104 20.16 2.43 6.62
N TYR A 105 20.08 1.32 7.32
CA TYR A 105 21.20 0.38 7.37
C TYR A 105 21.43 -0.37 6.07
N TYR A 106 20.35 -0.76 5.39
CA TYR A 106 20.49 -1.71 4.26
C TYR A 106 20.04 -1.19 2.89
N THR A 107 19.46 0.01 2.88
CA THR A 107 19.04 0.73 1.66
C THR A 107 17.84 0.10 0.95
N MET A 108 17.10 -0.71 1.67
CA MET A 108 15.85 -1.23 1.12
C MET A 108 14.95 -1.67 2.25
N ASP A 109 13.65 -1.80 1.96
CA ASP A 109 12.72 -2.37 2.91
C ASP A 109 12.21 -3.71 2.35
N TYR A 110 11.33 -4.38 3.09
CA TYR A 110 10.75 -5.63 2.60
C TYR A 110 9.30 -5.72 3.04
N TRP A 111 8.46 -6.18 2.12
CA TRP A 111 7.04 -6.39 2.40
C TRP A 111 6.70 -7.85 2.16
N GLY A 112 5.76 -8.39 2.94
CA GLY A 112 5.22 -9.72 2.65
C GLY A 112 4.41 -9.68 1.35
N GLN A 113 3.95 -10.83 0.87
CA GLN A 113 3.24 -10.83 -0.39
C GLN A 113 1.81 -10.33 -0.20
N GLY A 114 1.39 -10.19 1.06
CA GLY A 114 0.03 -9.75 1.35
C GLY A 114 -0.92 -10.91 1.58
N THR A 115 -1.93 -10.66 2.41
CA THR A 115 -3.02 -11.59 2.64
C THR A 115 -4.33 -10.86 2.44
N THR A 116 -5.16 -11.36 1.53
CA THR A 116 -6.50 -10.83 1.31
C THR A 116 -7.45 -11.37 2.37
N VAL A 117 -8.15 -10.48 3.07
CA VAL A 117 -9.16 -10.90 4.03
C VAL A 117 -10.46 -10.27 3.55
N THR A 118 -11.49 -11.09 3.40
CA THR A 118 -12.80 -10.61 2.98
C THR A 118 -13.77 -10.83 4.11
N VAL A 119 -14.44 -9.77 4.54
CA VAL A 119 -15.42 -9.85 5.62
C VAL A 119 -16.78 -9.53 5.01
N SER A 120 -17.72 -10.47 5.17
CA SER A 120 -19.03 -10.35 4.54
C SER A 120 -19.98 -11.36 5.16
N SER A 121 -21.27 -11.06 5.14
CA SER A 121 -22.24 -12.05 5.62
C SER A 121 -22.49 -13.07 4.51
N ALA A 122 -21.89 -12.84 3.35
CA ALA A 122 -21.99 -13.77 2.24
C ALA A 122 -21.24 -15.06 2.57
N SER A 123 -21.58 -16.14 1.88
CA SER A 123 -20.83 -17.39 1.98
C SER A 123 -20.24 -17.82 0.62
N THR A 124 -19.14 -18.59 0.68
CA THR A 124 -18.44 -18.99 -0.53
C THR A 124 -19.35 -19.64 -1.56
N LYS A 125 -19.35 -19.09 -2.79
CA LYS A 125 -20.23 -19.57 -3.85
C LYS A 125 -19.63 -19.36 -5.23
N GLY A 126 -19.80 -20.34 -6.12
CA GLY A 126 -19.24 -20.25 -7.45
C GLY A 126 -20.16 -19.48 -8.39
N PRO A 127 -19.58 -18.83 -9.41
CA PRO A 127 -20.38 -17.98 -10.30
C PRO A 127 -21.18 -18.77 -11.31
N SER A 128 -22.23 -18.15 -11.85
CA SER A 128 -22.85 -18.64 -13.07
C SER A 128 -22.14 -17.92 -14.20
N VAL A 129 -21.91 -18.60 -15.31
CA VAL A 129 -21.21 -17.95 -16.42
C VAL A 129 -22.15 -17.88 -17.61
N PHE A 130 -22.54 -16.66 -17.98
CA PHE A 130 -23.50 -16.46 -19.07
C PHE A 130 -22.81 -15.85 -20.28
N PRO A 131 -23.25 -16.24 -21.50
CA PRO A 131 -22.68 -15.65 -22.71
C PRO A 131 -23.09 -14.20 -22.88
N LEU A 132 -22.20 -13.37 -23.43
CA LEU A 132 -22.54 -12.01 -23.85
C LEU A 132 -22.42 -12.02 -25.36
N ALA A 133 -23.56 -11.90 -26.05
CA ALA A 133 -23.61 -12.00 -27.49
C ALA A 133 -24.47 -10.88 -28.07
N PRO A 134 -24.06 -10.30 -29.20
CA PRO A 134 -24.76 -9.22 -29.91
C PRO A 134 -26.28 -9.33 -29.93
N THR A 143 -16.25 -4.86 -36.93
CA THR A 143 -15.84 -5.23 -35.58
C THR A 143 -17.00 -5.57 -34.64
N ALA A 144 -16.95 -6.78 -34.06
CA ALA A 144 -17.97 -7.25 -33.11
C ALA A 144 -17.35 -7.48 -31.73
N ALA A 145 -18.21 -7.48 -30.72
CA ALA A 145 -17.76 -7.78 -29.37
C ALA A 145 -18.57 -8.93 -28.82
N LEU A 146 -17.93 -9.76 -28.01
CA LEU A 146 -18.62 -10.84 -27.33
C LEU A 146 -17.90 -11.04 -26.01
N GLY A 147 -18.49 -11.82 -25.11
CA GLY A 147 -17.89 -11.96 -23.79
C GLY A 147 -18.62 -12.92 -22.88
N CYS A 148 -18.20 -12.95 -21.62
CA CYS A 148 -18.83 -13.81 -20.61
C CYS A 148 -19.18 -13.00 -19.38
N LEU A 149 -20.40 -13.19 -18.88
CA LEU A 149 -20.82 -12.55 -17.64
C LEU A 149 -20.64 -13.56 -16.51
N VAL A 150 -19.71 -13.27 -15.62
CA VAL A 150 -19.35 -14.17 -14.51
C VAL A 150 -20.04 -13.65 -13.26
N LYS A 151 -21.18 -14.25 -12.92
CA LYS A 151 -22.10 -13.57 -12.01
C LYS A 151 -22.40 -14.34 -10.73
N ASP A 152 -22.50 -13.59 -9.63
CA ASP A 152 -22.94 -14.12 -8.33
C ASP A 152 -21.95 -15.08 -7.69
N TYR A 153 -20.71 -14.64 -7.52
CA TYR A 153 -19.71 -15.47 -6.85
C TYR A 153 -19.20 -14.75 -5.61
N PHE A 154 -18.58 -15.52 -4.72
CA PHE A 154 -17.94 -14.96 -3.53
C PHE A 154 -16.94 -16.00 -2.98
N PRO A 155 -15.78 -15.55 -2.50
CA PRO A 155 -15.24 -14.19 -2.55
C PRO A 155 -14.44 -14.02 -3.84
N GLU A 156 -13.76 -12.89 -3.98
CA GLU A 156 -12.74 -12.73 -5.01
C GLU A 156 -11.61 -13.71 -4.68
N PRO A 157 -10.75 -14.04 -5.67
CA PRO A 157 -10.78 -13.63 -7.07
C PRO A 157 -11.36 -14.69 -7.99
N VAL A 158 -11.52 -14.28 -9.25
CA VAL A 158 -11.88 -15.17 -10.34
C VAL A 158 -10.86 -14.91 -11.45
N THR A 159 -10.46 -15.94 -12.20
CA THR A 159 -9.57 -15.76 -13.35
C THR A 159 -10.35 -16.09 -14.59
N VAL A 160 -10.16 -15.32 -15.65
CA VAL A 160 -10.82 -15.61 -16.92
C VAL A 160 -9.76 -15.60 -18.01
N SER A 161 -9.76 -16.64 -18.84
CA SER A 161 -8.94 -16.64 -20.05
C SER A 161 -9.87 -16.89 -21.22
N TRP A 162 -9.37 -16.70 -22.44
CA TRP A 162 -10.15 -17.01 -23.62
C TRP A 162 -9.41 -18.01 -24.51
N ASN A 163 -10.12 -19.04 -24.97
CA ASN A 163 -9.54 -20.08 -25.79
C ASN A 163 -8.32 -20.72 -25.16
N SER A 164 -8.44 -21.08 -23.88
CA SER A 164 -7.37 -21.69 -23.11
C SER A 164 -6.08 -20.85 -23.01
N GLY A 165 -6.21 -19.54 -23.14
CA GLY A 165 -5.07 -18.65 -22.95
C GLY A 165 -4.46 -18.19 -24.25
N ALA A 166 -4.92 -18.77 -25.35
CA ALA A 166 -4.38 -18.46 -26.67
C ALA A 166 -4.86 -17.12 -27.19
N LEU A 167 -6.04 -16.69 -26.76
CA LEU A 167 -6.60 -15.42 -27.20
C LEU A 167 -6.40 -14.36 -26.12
N THR A 168 -5.53 -13.39 -26.38
CA THR A 168 -5.24 -12.32 -25.41
C THR A 168 -5.48 -10.94 -26.00
N SER A 169 -5.22 -10.81 -27.30
CA SER A 169 -5.40 -9.53 -28.00
C SER A 169 -6.86 -9.08 -28.06
N GLY A 170 -7.11 -7.82 -27.68
CA GLY A 170 -8.45 -7.30 -27.63
C GLY A 170 -9.32 -7.87 -26.52
N VAL A 171 -8.71 -8.59 -25.58
CA VAL A 171 -9.47 -9.07 -24.42
C VAL A 171 -9.48 -8.01 -23.32
N HIS A 172 -10.65 -7.77 -22.74
CA HIS A 172 -10.73 -6.92 -21.55
C HIS A 172 -11.49 -7.67 -20.49
N THR A 173 -10.83 -7.93 -19.35
CA THR A 173 -11.51 -8.52 -18.21
C THR A 173 -11.64 -7.43 -17.15
N PHE A 174 -12.88 -7.07 -16.81
CA PHE A 174 -13.14 -5.91 -15.97
C PHE A 174 -13.02 -6.22 -14.48
N PRO A 175 -12.77 -5.18 -13.67
CA PRO A 175 -12.83 -5.37 -12.21
C PRO A 175 -14.25 -5.78 -11.84
N ALA A 176 -14.36 -6.73 -10.92
CA ALA A 176 -15.65 -7.18 -10.42
C ALA A 176 -16.35 -6.04 -9.68
N VAL A 177 -17.67 -6.05 -9.67
CA VAL A 177 -18.42 -5.13 -8.82
C VAL A 177 -19.09 -5.95 -7.72
N LEU A 178 -19.28 -5.33 -6.56
CA LEU A 178 -19.92 -6.01 -5.44
C LEU A 178 -21.39 -5.63 -5.39
N GLN A 179 -22.25 -6.61 -5.60
CA GLN A 179 -23.68 -6.34 -5.66
C GLN A 179 -24.28 -6.20 -4.27
N SER A 180 -25.49 -5.66 -4.21
CA SER A 180 -26.19 -5.46 -2.94
C SER A 180 -26.44 -6.81 -2.27
N SER A 181 -26.46 -7.88 -3.06
CA SER A 181 -26.63 -9.23 -2.51
C SER A 181 -25.44 -9.68 -1.67
N GLY A 182 -24.29 -9.01 -1.82
CA GLY A 182 -23.07 -9.45 -1.17
C GLY A 182 -22.17 -10.28 -2.10
N LEU A 183 -22.69 -10.57 -3.29
CA LEU A 183 -21.98 -11.41 -4.27
C LEU A 183 -21.35 -10.53 -5.32
N TYR A 184 -20.26 -11.01 -5.93
CA TYR A 184 -19.52 -10.25 -6.95
C TYR A 184 -19.99 -10.58 -8.36
N SER A 185 -19.77 -9.68 -9.30
CA SER A 185 -20.11 -9.96 -10.69
C SER A 185 -19.04 -9.31 -11.56
N LEU A 186 -18.67 -10.00 -12.64
CA LEU A 186 -17.53 -9.58 -13.44
C LEU A 186 -17.89 -9.88 -14.88
N SER A 187 -17.45 -9.02 -15.80
CA SER A 187 -17.57 -9.36 -17.22
C SER A 187 -16.19 -9.48 -17.85
N SER A 188 -16.08 -10.32 -18.89
CA SER A 188 -14.86 -10.37 -19.68
C SER A 188 -15.31 -10.36 -21.12
N VAL A 189 -14.70 -9.51 -21.95
CA VAL A 189 -15.09 -9.42 -23.35
C VAL A 189 -13.88 -9.50 -24.29
N VAL A 190 -14.15 -9.75 -25.56
CA VAL A 190 -13.12 -9.65 -26.57
C VAL A 190 -13.75 -9.07 -27.82
N THR A 191 -12.99 -8.23 -28.54
CA THR A 191 -13.48 -7.69 -29.79
C THR A 191 -12.73 -8.37 -30.90
N VAL A 192 -13.45 -8.68 -31.98
CA VAL A 192 -12.87 -9.35 -33.12
C VAL A 192 -13.43 -8.72 -34.39
N PRO A 193 -12.76 -8.95 -35.55
CA PRO A 193 -13.44 -8.60 -36.81
C PRO A 193 -14.75 -9.35 -36.95
N SER A 194 -15.79 -8.70 -37.46
CA SER A 194 -17.11 -9.32 -37.55
C SER A 194 -17.09 -10.61 -38.37
N SER A 195 -16.26 -10.63 -39.41
CA SER A 195 -16.19 -11.80 -40.30
C SER A 195 -15.67 -13.05 -39.61
N SER A 196 -15.02 -12.89 -38.45
CA SER A 196 -14.59 -14.03 -37.64
C SER A 196 -15.79 -14.86 -37.19
N LEU A 197 -16.86 -14.17 -36.81
CA LEU A 197 -18.09 -14.83 -36.34
C LEU A 197 -18.69 -15.78 -37.37
N LYS A 200 -15.25 -18.54 -36.68
CA LYS A 200 -14.31 -19.05 -35.67
C LYS A 200 -14.96 -19.19 -34.30
N THR A 201 -14.30 -19.94 -33.42
CA THR A 201 -14.87 -20.37 -32.14
C THR A 201 -14.30 -19.62 -30.93
N TYR A 202 -15.18 -19.17 -30.02
CA TYR A 202 -14.75 -18.39 -28.86
C TYR A 202 -15.29 -18.96 -27.55
N THR A 203 -14.36 -19.35 -26.67
CA THR A 203 -14.67 -20.00 -25.40
C THR A 203 -14.00 -19.28 -24.23
N CYS A 204 -14.78 -18.92 -23.21
CA CYS A 204 -14.16 -18.32 -22.02
C CYS A 204 -13.95 -19.38 -20.95
N ASN A 205 -12.77 -19.36 -20.34
CA ASN A 205 -12.45 -20.31 -19.31
C ASN A 205 -12.45 -19.59 -17.96
N VAL A 206 -13.36 -19.99 -17.07
CA VAL A 206 -13.52 -19.31 -15.79
C VAL A 206 -13.08 -20.24 -14.67
N ASP A 207 -12.33 -19.71 -13.71
CA ASP A 207 -11.89 -20.54 -12.60
C ASP A 207 -12.06 -19.75 -11.31
N HIS A 208 -12.93 -20.24 -10.44
CA HIS A 208 -13.13 -19.59 -9.14
C HIS A 208 -12.63 -20.56 -8.08
N LYS A 209 -11.36 -20.43 -7.75
CA LYS A 209 -10.72 -21.38 -6.83
C LYS A 209 -11.43 -21.59 -5.48
N PRO A 210 -11.85 -20.51 -4.78
CA PRO A 210 -12.45 -20.72 -3.46
C PRO A 210 -13.65 -21.68 -3.47
N SER A 211 -14.35 -21.81 -4.58
CA SER A 211 -15.52 -22.70 -4.62
C SER A 211 -15.30 -23.95 -5.48
N ASN A 212 -14.08 -24.09 -6.00
CA ASN A 212 -13.77 -25.14 -6.98
C ASN A 212 -14.75 -25.18 -8.15
N THR A 213 -15.06 -24.00 -8.68
CA THR A 213 -15.89 -23.87 -9.86
C THR A 213 -14.98 -23.54 -11.03
N LYS A 214 -14.75 -24.52 -11.89
CA LYS A 214 -13.94 -24.32 -13.10
C LYS A 214 -14.81 -24.65 -14.27
N VAL A 215 -15.05 -23.65 -15.12
CA VAL A 215 -16.08 -23.72 -16.16
C VAL A 215 -15.54 -23.22 -17.51
N ASP A 216 -15.94 -23.91 -18.58
CA ASP A 216 -15.61 -23.49 -19.94
C ASP A 216 -16.89 -23.15 -20.68
N LYS A 217 -17.06 -21.90 -21.10
CA LYS A 217 -18.31 -21.51 -21.76
C LYS A 217 -18.06 -21.10 -23.20
N ARG A 218 -18.68 -21.81 -24.14
CA ARG A 218 -18.58 -21.49 -25.56
C ARG A 218 -19.54 -20.35 -25.85
N VAL A 219 -19.04 -19.27 -26.45
CA VAL A 219 -19.86 -18.10 -26.68
C VAL A 219 -20.31 -17.99 -28.13
N GLU A 220 -21.62 -17.84 -28.32
CA GLU A 220 -22.22 -17.86 -29.64
C GLU A 220 -23.42 -16.92 -29.66
N ASP B 1 -2.27 13.33 14.30
CA ASP B 1 -1.90 12.70 13.04
C ASP B 1 -1.35 13.75 12.08
N ILE B 2 -0.35 13.34 11.30
CA ILE B 2 0.15 14.15 10.19
C ILE B 2 -0.52 13.70 8.91
N GLN B 3 -1.36 14.55 8.33
CA GLN B 3 -1.97 14.23 7.06
C GLN B 3 -1.03 14.57 5.92
N LEU B 4 -0.88 13.66 4.96
CA LEU B 4 -0.06 13.91 3.79
C LEU B 4 -1.00 14.08 2.60
N THR B 5 -0.91 15.23 1.93
CA THR B 5 -1.76 15.50 0.78
C THR B 5 -0.88 15.60 -0.45
N GLN B 6 -1.13 14.75 -1.43
CA GLN B 6 -0.31 14.75 -2.64
C GLN B 6 -0.95 15.59 -3.73
N SER B 7 -0.12 16.27 -4.52
CA SER B 7 -0.65 16.92 -5.71
C SER B 7 0.29 16.72 -6.91
N PRO B 8 -0.30 16.46 -8.10
CA PRO B 8 -1.74 16.29 -8.29
C PRO B 8 -2.17 14.90 -7.86
N SER B 9 -3.48 14.66 -7.79
CA SER B 9 -4.00 13.34 -7.52
C SER B 9 -3.86 12.44 -8.75
N PHE B 10 -4.00 13.06 -9.93
CA PHE B 10 -3.90 12.34 -11.19
C PHE B 10 -3.07 13.16 -12.15
N LEU B 11 -2.17 12.50 -12.86
CA LEU B 11 -1.28 13.20 -13.77
C LEU B 11 -1.07 12.41 -15.05
N SER B 12 -1.23 13.08 -16.18
CA SER B 12 -0.97 12.48 -17.48
C SER B 12 0.33 13.04 -18.05
N ALA B 13 1.11 12.17 -18.68
CA ALA B 13 2.36 12.59 -19.29
C ALA B 13 2.74 11.62 -20.40
N SER B 14 3.84 11.89 -21.07
CA SER B 14 4.33 11.02 -22.13
C SER B 14 5.66 10.39 -21.74
N VAL B 15 5.96 9.22 -22.29
CA VAL B 15 7.31 8.67 -22.19
C VAL B 15 8.31 9.76 -22.57
N GLY B 16 9.36 9.93 -21.78
CA GLY B 16 10.35 10.95 -22.06
C GLY B 16 10.15 12.22 -21.25
N ASP B 17 8.92 12.47 -20.79
CA ASP B 17 8.63 13.66 -19.98
C ASP B 17 9.38 13.65 -18.62
N ARG B 18 9.66 14.84 -18.10
CA ARG B 18 10.11 14.99 -16.71
C ARG B 18 8.89 15.39 -15.91
N VAL B 19 8.61 14.67 -14.83
CA VAL B 19 7.46 14.98 -13.98
C VAL B 19 7.84 15.15 -12.50
N THR B 20 7.09 15.99 -11.78
CA THR B 20 7.29 16.19 -10.36
C THR B 20 5.99 16.01 -9.60
N ILE B 21 6.02 15.22 -8.53
CA ILE B 21 4.85 14.96 -7.72
C ILE B 21 5.16 15.55 -6.36
N THR B 22 4.20 16.25 -5.77
CA THR B 22 4.43 16.94 -4.50
C THR B 22 3.65 16.28 -3.37
N CYS B 23 4.25 16.25 -2.19
CA CYS B 23 3.59 15.73 -0.99
C CYS B 23 3.66 16.83 0.06
N SER B 24 2.51 17.31 0.52
CA SER B 24 2.46 18.36 1.55
C SER B 24 1.93 17.82 2.87
N ALA B 25 2.73 17.95 3.92
CA ALA B 25 2.35 17.47 5.25
C ALA B 25 1.67 18.58 6.04
N SER B 26 0.74 18.21 6.92
CA SER B 26 -0.04 19.20 7.66
C SER B 26 0.78 19.85 8.78
N THR B 27 1.92 19.24 9.10
CA THR B 27 2.90 19.83 10.01
C THR B 27 4.28 19.36 9.54
N SER B 28 5.33 20.03 9.99
CA SER B 28 6.69 19.68 9.63
C SER B 28 7.03 18.26 10.01
N VAL B 29 7.81 17.60 9.16
CA VAL B 29 8.26 16.25 9.43
C VAL B 29 9.72 16.18 8.99
N SER B 30 10.52 15.40 9.71
CA SER B 30 11.96 15.36 9.47
C SER B 30 12.36 14.80 8.11
N TYR B 31 11.68 13.73 7.66
CA TYR B 31 11.99 13.12 6.35
C TYR B 31 10.74 12.57 5.66
N MET B 32 10.81 12.35 4.37
CA MET B 32 9.71 11.70 3.66
C MET B 32 10.21 10.45 2.94
N GLU B 33 9.35 9.44 2.81
CA GLU B 33 9.68 8.25 2.01
C GLU B 33 8.70 8.18 0.84
N TRP B 34 9.10 7.53 -0.26
CA TRP B 34 8.23 7.45 -1.45
C TRP B 34 8.12 6.03 -1.96
N TYR B 35 6.88 5.61 -2.26
CA TYR B 35 6.59 4.30 -2.82
C TYR B 35 5.94 4.36 -4.20
N GLN B 36 6.22 3.35 -5.02
CA GLN B 36 5.51 3.12 -6.27
C GLN B 36 4.62 1.92 -6.07
N GLN B 37 3.43 1.91 -6.66
CA GLN B 37 2.58 0.72 -6.61
C GLN B 37 1.89 0.42 -7.93
N LYS B 38 2.00 -0.83 -8.36
CA LYS B 38 1.30 -1.32 -9.54
C LYS B 38 0.19 -2.30 -9.14
N PRO B 39 -0.87 -2.42 -9.98
CA PRO B 39 -2.01 -3.28 -9.71
C PRO B 39 -1.61 -4.69 -9.28
N GLY B 40 -2.23 -5.16 -8.19
CA GLY B 40 -1.97 -6.49 -7.67
C GLY B 40 -0.57 -6.74 -7.14
N LYS B 41 0.13 -5.68 -6.73
CA LYS B 41 1.48 -5.82 -6.19
C LYS B 41 1.66 -4.95 -4.94
N ALA B 42 2.55 -5.39 -4.07
CA ALA B 42 2.88 -4.61 -2.88
C ALA B 42 3.59 -3.33 -3.28
N PRO B 43 3.49 -2.29 -2.43
CA PRO B 43 4.20 -1.04 -2.70
C PRO B 43 5.70 -1.27 -2.80
N LYS B 44 6.37 -0.51 -3.67
CA LYS B 44 7.81 -0.63 -3.86
C LYS B 44 8.49 0.66 -3.43
N LEU B 45 9.37 0.58 -2.44
CA LEU B 45 10.14 1.73 -1.98
C LEU B 45 11.03 2.27 -3.08
N LEU B 46 10.97 3.58 -3.30
CA LEU B 46 11.83 4.23 -4.31
C LEU B 46 12.88 5.11 -3.67
N ILE B 47 12.42 5.95 -2.74
CA ILE B 47 13.23 7.00 -2.14
C ILE B 47 13.04 6.93 -0.64
N TYR B 48 14.11 6.99 0.13
CA TYR B 48 13.97 7.01 1.59
C TYR B 48 14.80 8.14 2.18
N THR B 49 14.51 8.51 3.44
CA THR B 49 15.22 9.63 4.05
C THR B 49 15.21 10.85 3.11
N THR B 50 14.05 11.07 2.48
CA THR B 50 13.77 12.24 1.63
C THR B 50 14.41 12.25 0.25
N SER B 51 15.65 11.79 0.16
CA SER B 51 16.39 11.93 -1.10
C SER B 51 17.29 10.74 -1.46
N LYS B 52 17.31 9.68 -0.65
CA LYS B 52 18.15 8.53 -0.97
C LYS B 52 17.42 7.51 -1.84
N LEU B 53 18.13 6.94 -2.81
CA LEU B 53 17.58 5.92 -3.72
C LEU B 53 17.67 4.52 -3.12
N ALA B 54 16.53 3.82 -3.09
CA ALA B 54 16.51 2.43 -2.67
C ALA B 54 17.35 1.59 -3.62
N SER B 55 17.93 0.53 -3.07
CA SER B 55 18.77 -0.40 -3.84
C SER B 55 18.12 -0.78 -5.17
N GLY B 56 18.86 -0.57 -6.25
CA GLY B 56 18.39 -0.99 -7.56
C GLY B 56 17.38 -0.08 -8.26
N VAL B 57 16.93 0.97 -7.58
CA VAL B 57 16.03 1.96 -8.21
C VAL B 57 16.83 2.83 -9.18
N PRO B 58 16.32 2.99 -10.41
CA PRO B 58 16.98 3.80 -11.45
C PRO B 58 17.27 5.26 -11.03
N SER B 59 18.41 5.81 -11.46
CA SER B 59 18.80 7.16 -11.09
C SER B 59 17.88 8.24 -11.66
N ARG B 60 16.95 7.81 -12.51
CA ARG B 60 15.83 8.61 -12.98
C ARG B 60 14.96 9.21 -11.88
N PHE B 61 14.89 8.49 -10.76
CA PHE B 61 14.07 8.93 -9.64
C PHE B 61 14.92 9.73 -8.68
N SER B 62 14.36 10.81 -8.15
CA SER B 62 15.05 11.56 -7.11
C SER B 62 13.99 12.18 -6.24
N GLY B 63 14.37 12.50 -5.02
CA GLY B 63 13.46 13.13 -4.09
C GLY B 63 14.12 14.34 -3.46
N SER B 64 13.30 15.29 -3.02
CA SER B 64 13.84 16.45 -2.32
C SER B 64 12.75 17.04 -1.44
N GLY B 65 13.09 18.13 -0.75
CA GLY B 65 12.13 18.84 0.05
C GLY B 65 12.53 18.92 1.49
N SER B 66 11.74 19.65 2.28
CA SER B 66 11.98 19.79 3.71
C SER B 66 10.74 20.40 4.32
N GLY B 67 10.63 20.32 5.65
CA GLY B 67 9.53 20.94 6.35
C GLY B 67 8.21 20.26 6.08
N THR B 68 7.35 20.93 5.33
CA THR B 68 6.04 20.39 5.00
C THR B 68 5.98 20.01 3.53
N GLU B 69 6.99 20.41 2.74
CA GLU B 69 6.91 20.23 1.28
C GLU B 69 7.97 19.28 0.72
N PHE B 70 7.54 18.13 0.22
CA PHE B 70 8.46 17.12 -0.32
C PHE B 70 8.11 16.79 -1.76
N THR B 71 9.11 16.44 -2.57
CA THR B 71 8.87 16.17 -3.99
C THR B 71 9.53 14.90 -4.46
N LEU B 72 8.90 14.25 -5.43
CA LEU B 72 9.47 13.09 -6.12
C LEU B 72 9.52 13.51 -7.57
N THR B 73 10.69 13.36 -8.17
CA THR B 73 10.87 13.78 -9.54
C THR B 73 11.32 12.60 -10.37
N ILE B 74 10.71 12.43 -11.53
CA ILE B 74 11.17 11.40 -12.47
C ILE B 74 11.58 12.09 -13.75
N SER B 75 12.85 12.01 -14.11
CA SER B 75 13.27 12.67 -15.33
C SER B 75 13.36 11.67 -16.48
N SER B 76 12.58 11.92 -17.52
CA SER B 76 12.45 11.03 -18.67
C SER B 76 11.69 9.75 -18.31
N LEU B 77 10.37 9.86 -18.23
CA LEU B 77 9.52 8.73 -17.90
C LEU B 77 9.71 7.55 -18.87
N GLN B 78 9.82 6.36 -18.32
CA GLN B 78 9.82 5.12 -19.11
C GLN B 78 8.45 4.49 -18.97
N PRO B 79 8.09 3.57 -19.89
CA PRO B 79 6.77 2.96 -19.85
C PRO B 79 6.48 2.29 -18.51
N GLU B 80 7.51 1.79 -17.85
CA GLU B 80 7.30 1.10 -16.58
C GLU B 80 7.01 2.01 -15.39
N ASP B 81 7.13 3.32 -15.57
CA ASP B 81 6.90 4.24 -14.45
C ASP B 81 5.47 4.71 -14.30
N PHE B 82 4.62 4.32 -15.23
CA PHE B 82 3.21 4.73 -15.14
C PHE B 82 2.55 3.84 -14.12
N ALA B 83 2.19 4.43 -12.99
CA ALA B 83 1.82 3.68 -11.80
C ALA B 83 1.26 4.66 -10.78
N THR B 84 1.02 4.18 -9.57
CA THR B 84 0.57 5.05 -8.48
C THR B 84 1.72 5.26 -7.52
N TYR B 85 1.89 6.51 -7.07
CA TYR B 85 2.99 6.88 -6.19
C TYR B 85 2.44 7.38 -4.87
N TYR B 86 3.01 6.90 -3.76
CA TYR B 86 2.62 7.33 -2.43
C TYR B 86 3.79 7.86 -1.65
N CYS B 87 3.57 8.97 -0.94
CA CYS B 87 4.52 9.43 0.09
C CYS B 87 4.11 8.83 1.42
N HIS B 88 5.06 8.73 2.33
CA HIS B 88 4.83 8.06 3.59
C HIS B 88 5.82 8.59 4.62
N GLN B 89 5.34 8.90 5.82
CA GLN B 89 6.21 9.28 6.93
C GLN B 89 6.13 8.24 8.05
N TRP B 90 7.29 7.82 8.55
CA TRP B 90 7.30 6.90 9.68
C TRP B 90 8.02 7.53 10.86
N ARG B 91 7.72 8.80 11.12
CA ARG B 91 8.41 9.56 12.15
C ARG B 91 7.49 9.90 13.29
N ASN B 92 6.19 9.96 13.00
CA ASN B 92 5.22 10.46 13.96
C ASN B 92 4.03 9.49 13.99
N TYR B 93 3.68 8.99 15.17
CA TYR B 93 2.54 8.06 15.30
C TYR B 93 1.21 8.79 15.19
N PRO B 94 0.26 8.21 14.44
CA PRO B 94 0.43 6.98 13.66
C PRO B 94 1.12 7.28 12.34
N PHE B 95 1.94 6.36 11.83
CA PHE B 95 2.54 6.56 10.53
C PHE B 95 1.44 6.72 9.47
N THR B 96 1.62 7.64 8.54
CA THR B 96 0.58 8.00 7.58
C THR B 96 1.09 8.00 6.13
N PHE B 97 0.16 7.81 5.20
CA PHE B 97 0.46 7.76 3.76
C PHE B 97 -0.28 8.89 3.05
N GLY B 98 0.29 9.38 1.95
CA GLY B 98 -0.47 10.26 1.05
C GLY B 98 -1.63 9.48 0.42
N GLN B 99 -2.59 10.19 -0.18
CA GLN B 99 -3.74 9.55 -0.80
C GLN B 99 -3.36 8.90 -2.14
N GLY B 100 -2.15 9.19 -2.62
CA GLY B 100 -1.69 8.59 -3.86
C GLY B 100 -1.78 9.52 -5.06
N THR B 101 -0.82 9.37 -5.97
CA THR B 101 -0.82 10.10 -7.24
C THR B 101 -0.76 9.07 -8.36
N LYS B 102 -1.77 9.06 -9.22
CA LYS B 102 -1.79 8.08 -10.30
C LYS B 102 -1.31 8.71 -11.60
N LEU B 103 -0.34 8.06 -12.23
CA LEU B 103 0.31 8.60 -13.41
C LEU B 103 -0.12 7.80 -14.64
N GLU B 104 -0.81 8.45 -15.59
CA GLU B 104 -1.25 7.78 -16.82
C GLU B 104 -0.56 8.33 -18.08
N ILE B 105 -0.67 7.59 -19.17
CA ILE B 105 -0.03 7.99 -20.44
C ILE B 105 -0.95 8.85 -21.29
N LYS B 106 -0.42 9.96 -21.80
CA LYS B 106 -1.16 10.85 -22.69
C LYS B 106 -1.35 10.22 -24.07
N ARG B 107 -2.45 10.58 -24.71
CA ARG B 107 -2.90 9.89 -25.89
C ARG B 107 -3.83 10.82 -26.64
N ALA B 108 -4.02 10.56 -27.93
CA ALA B 108 -5.03 11.29 -28.68
C ALA B 108 -6.41 10.84 -28.21
N VAL B 109 -7.41 11.71 -28.35
CA VAL B 109 -8.78 11.34 -28.02
C VAL B 109 -9.21 10.16 -28.87
N ALA B 110 -9.92 9.21 -28.25
CA ALA B 110 -10.53 8.11 -29.00
C ALA B 110 -11.95 7.94 -28.50
N ALA B 111 -12.90 7.92 -29.44
CA ALA B 111 -14.29 7.69 -29.09
C ALA B 111 -14.47 6.22 -28.75
N PRO B 112 -15.32 5.94 -27.73
CA PRO B 112 -15.62 4.54 -27.41
C PRO B 112 -16.41 3.87 -28.53
N SER B 113 -16.07 2.63 -28.86
CA SER B 113 -16.99 1.80 -29.62
C SER B 113 -17.96 1.20 -28.60
N VAL B 114 -19.26 1.23 -28.89
CA VAL B 114 -20.27 0.83 -27.92
C VAL B 114 -21.04 -0.42 -28.36
N PHE B 115 -21.25 -1.34 -27.42
CA PHE B 115 -21.97 -2.58 -27.69
C PHE B 115 -22.94 -2.83 -26.55
N ILE B 116 -24.10 -3.38 -26.88
CA ILE B 116 -25.06 -3.78 -25.85
C ILE B 116 -25.31 -5.28 -25.97
N PHE B 117 -25.53 -5.94 -24.83
CA PHE B 117 -25.75 -7.38 -24.80
C PHE B 117 -27.00 -7.66 -24.00
N PRO B 118 -27.97 -8.37 -24.60
CA PRO B 118 -29.21 -8.77 -23.93
C PRO B 118 -28.91 -9.86 -22.93
N PRO B 119 -29.83 -10.11 -21.98
CA PRO B 119 -29.60 -11.23 -21.07
C PRO B 119 -29.66 -12.54 -21.83
N SER B 120 -28.88 -13.53 -21.42
CA SER B 120 -28.94 -14.84 -22.06
C SER B 120 -30.23 -15.54 -21.64
N ASP B 121 -30.70 -16.46 -22.46
CA ASP B 121 -31.85 -17.28 -22.07
C ASP B 121 -31.58 -18.12 -20.83
N GLU B 122 -30.32 -18.54 -20.64
CA GLU B 122 -29.94 -19.32 -19.46
C GLU B 122 -30.13 -18.51 -18.18
N GLN B 123 -29.83 -17.22 -18.23
CA GLN B 123 -29.95 -16.41 -17.02
C GLN B 123 -31.43 -16.17 -16.69
N LEU B 124 -32.22 -15.94 -17.74
CA LEU B 124 -33.63 -15.64 -17.57
C LEU B 124 -34.30 -16.81 -16.84
N LYS B 125 -33.80 -18.02 -17.08
CA LYS B 125 -34.32 -19.21 -16.42
C LYS B 125 -34.24 -19.08 -14.90
N SER B 126 -33.35 -18.21 -14.41
CA SER B 126 -33.09 -18.13 -12.97
C SER B 126 -33.82 -17.02 -12.22
N GLY B 127 -34.58 -16.18 -12.92
CA GLY B 127 -35.36 -15.15 -12.24
C GLY B 127 -34.76 -13.74 -12.22
N THR B 128 -33.61 -13.59 -12.88
CA THR B 128 -32.89 -12.32 -12.97
C THR B 128 -32.46 -12.04 -14.42
N ALA B 129 -32.44 -10.77 -14.82
CA ALA B 129 -31.95 -10.38 -16.14
C ALA B 129 -30.86 -9.32 -16.02
N SER B 130 -29.71 -9.57 -16.65
CA SER B 130 -28.65 -8.57 -16.67
C SER B 130 -28.42 -8.09 -18.10
N VAL B 131 -28.52 -6.78 -18.31
CA VAL B 131 -28.20 -6.21 -19.60
C VAL B 131 -26.86 -5.51 -19.45
N VAL B 132 -25.97 -5.72 -20.41
CA VAL B 132 -24.61 -5.20 -20.31
C VAL B 132 -24.31 -4.24 -21.45
N CYS B 133 -23.62 -3.15 -21.12
CA CYS B 133 -23.21 -2.15 -22.08
C CYS B 133 -21.69 -2.03 -22.01
N LEU B 134 -21.03 -2.17 -23.17
CA LEU B 134 -19.57 -2.11 -23.26
C LEU B 134 -19.13 -0.86 -24.00
N LEU B 135 -18.28 -0.07 -23.35
CA LEU B 135 -17.62 1.09 -23.96
C LEU B 135 -16.19 0.70 -24.20
N ASN B 136 -15.81 0.52 -25.46
CA ASN B 136 -14.51 -0.06 -25.73
C ASN B 136 -13.44 0.89 -26.25
N ASN B 137 -12.26 0.80 -25.63
CA ASN B 137 -11.05 1.47 -26.08
C ASN B 137 -11.25 2.95 -26.31
N PHE B 138 -11.58 3.68 -25.25
CA PHE B 138 -11.74 5.12 -25.37
C PHE B 138 -10.65 5.87 -24.62
N TYR B 139 -10.52 7.16 -24.94
CA TYR B 139 -9.62 8.07 -24.25
C TYR B 139 -10.12 9.47 -24.53
N PRO B 140 -10.18 10.31 -23.49
CA PRO B 140 -9.73 10.04 -22.12
C PRO B 140 -10.66 9.17 -21.30
N ARG B 141 -10.27 8.97 -20.04
CA ARG B 141 -10.93 8.03 -19.15
C ARG B 141 -12.38 8.40 -18.80
N GLU B 142 -12.69 9.68 -18.70
CA GLU B 142 -14.03 10.07 -18.27
C GLU B 142 -15.08 9.74 -19.32
N ALA B 143 -16.16 9.09 -18.88
CA ALA B 143 -17.25 8.72 -19.77
C ALA B 143 -18.50 8.50 -18.96
N LYS B 144 -19.63 8.83 -19.55
CA LYS B 144 -20.91 8.69 -18.88
C LYS B 144 -21.80 7.68 -19.60
N VAL B 145 -22.38 6.77 -18.82
CA VAL B 145 -23.33 5.79 -19.37
C VAL B 145 -24.68 6.02 -18.71
N GLN B 146 -25.73 6.18 -19.50
CA GLN B 146 -27.06 6.20 -18.94
C GLN B 146 -27.89 5.07 -19.52
N TRP B 147 -28.57 4.35 -18.62
CA TRP B 147 -29.47 3.28 -19.01
C TRP B 147 -30.87 3.82 -19.17
N LYS B 148 -31.51 3.46 -20.28
CA LYS B 148 -32.93 3.79 -20.47
C LYS B 148 -33.72 2.54 -20.84
N VAL B 149 -34.81 2.32 -20.10
CA VAL B 149 -35.74 1.23 -20.37
C VAL B 149 -37.10 1.86 -20.79
N ASP B 150 -37.56 1.57 -22.00
CA ASP B 150 -38.68 2.28 -22.63
C ASP B 150 -38.54 3.80 -22.46
N ASN B 151 -37.33 4.27 -22.74
CA ASN B 151 -36.96 5.68 -22.70
C ASN B 151 -36.98 6.33 -21.33
N ALA B 152 -37.10 5.53 -20.27
CA ALA B 152 -37.07 6.05 -18.90
C ALA B 152 -35.70 5.79 -18.28
N LEU B 153 -35.11 6.85 -17.74
CA LEU B 153 -33.84 6.77 -17.02
C LEU B 153 -33.94 5.82 -15.82
N GLN B 154 -32.89 5.05 -15.59
CA GLN B 154 -32.88 4.05 -14.54
C GLN B 154 -32.02 4.52 -13.39
N SER B 155 -32.39 4.11 -12.18
CA SER B 155 -31.69 4.54 -10.97
C SER B 155 -31.54 3.39 -9.99
N GLY B 156 -30.34 3.21 -9.45
CA GLY B 156 -30.13 2.23 -8.38
C GLY B 156 -30.12 0.76 -8.77
N ASN B 157 -30.11 0.49 -10.07
CA ASN B 157 -30.10 -0.89 -10.55
C ASN B 157 -28.96 -1.17 -11.53
N SER B 158 -27.95 -0.30 -11.57
CA SER B 158 -26.79 -0.54 -12.42
C SER B 158 -25.45 -0.34 -11.68
N GLN B 159 -24.43 -1.05 -12.14
CA GLN B 159 -23.08 -0.91 -11.62
C GLN B 159 -22.12 -0.95 -12.79
N GLU B 160 -20.97 -0.30 -12.64
CA GLU B 160 -19.99 -0.26 -13.72
C GLU B 160 -18.58 -0.41 -13.18
N SER B 161 -17.65 -0.83 -14.03
CA SER B 161 -16.25 -0.72 -13.70
C SER B 161 -15.44 -0.41 -14.95
N VAL B 162 -14.19 -0.02 -14.74
CA VAL B 162 -13.33 0.45 -15.82
C VAL B 162 -11.98 -0.27 -15.77
N THR B 163 -11.41 -0.57 -16.93
CA THR B 163 -10.11 -1.25 -16.94
C THR B 163 -8.97 -0.28 -16.65
N GLU B 164 -7.81 -0.83 -16.27
CA GLU B 164 -6.59 -0.04 -16.20
C GLU B 164 -6.24 0.38 -17.61
N GLN B 165 -5.47 1.46 -17.74
CA GLN B 165 -5.05 1.92 -19.06
C GLN B 165 -4.35 0.80 -19.82
N ASP B 166 -4.72 0.61 -21.08
CA ASP B 166 -4.16 -0.50 -21.84
C ASP B 166 -2.66 -0.33 -22.08
N SER B 167 -1.92 -1.44 -21.96
CA SER B 167 -0.47 -1.45 -22.11
C SER B 167 0.04 -1.12 -23.52
N LYS B 168 -0.82 -1.25 -24.52
CA LYS B 168 -0.40 -1.07 -25.91
C LYS B 168 -0.95 0.20 -26.57
N ASP B 169 -2.26 0.43 -26.45
CA ASP B 169 -2.88 1.59 -27.11
C ASP B 169 -3.25 2.73 -26.18
N SER B 170 -3.01 2.54 -24.88
CA SER B 170 -3.24 3.57 -23.86
C SER B 170 -4.71 4.00 -23.69
N THR B 171 -5.64 3.17 -24.12
CA THR B 171 -7.05 3.47 -23.94
C THR B 171 -7.65 2.87 -22.66
N TYR B 172 -8.90 3.24 -22.40
CA TYR B 172 -9.70 2.63 -21.33
C TYR B 172 -10.93 1.94 -21.89
N SER B 173 -11.47 0.99 -21.12
CA SER B 173 -12.71 0.33 -21.47
C SER B 173 -13.60 0.28 -20.24
N LEU B 174 -14.91 0.27 -20.46
CA LEU B 174 -15.89 0.34 -19.38
C LEU B 174 -17.00 -0.65 -19.63
N SER B 175 -17.47 -1.27 -18.56
CA SER B 175 -18.57 -2.22 -18.65
C SER B 175 -19.57 -1.82 -17.59
N SER B 176 -20.83 -1.74 -17.99
CA SER B 176 -21.92 -1.36 -17.10
C SER B 176 -22.96 -2.48 -17.17
N THR B 177 -23.49 -2.89 -16.02
CA THR B 177 -24.50 -3.95 -15.99
C THR B 177 -25.79 -3.40 -15.39
N LEU B 178 -26.90 -3.56 -16.13
CA LEU B 178 -28.23 -3.26 -15.61
C LEU B 178 -28.87 -4.56 -15.17
N THR B 179 -29.34 -4.62 -13.94
CA THR B 179 -29.91 -5.86 -13.43
C THR B 179 -31.37 -5.64 -12.99
N LEU B 180 -32.26 -6.42 -13.59
CA LEU B 180 -33.68 -6.40 -13.23
C LEU B 180 -34.08 -7.81 -12.91
N SER B 181 -35.21 -7.97 -12.24
CA SER B 181 -35.74 -9.31 -12.09
C SER B 181 -36.25 -9.73 -13.46
N LYS B 182 -36.42 -11.02 -13.68
CA LYS B 182 -37.01 -11.51 -14.94
C LYS B 182 -38.37 -10.87 -15.25
N ALA B 183 -39.27 -10.89 -14.27
CA ALA B 183 -40.62 -10.39 -14.49
C ALA B 183 -40.62 -8.91 -14.88
N ASP B 184 -39.72 -8.16 -14.25
CA ASP B 184 -39.60 -6.75 -14.54
C ASP B 184 -39.08 -6.58 -15.97
N TYR B 185 -38.06 -7.35 -16.31
CA TYR B 185 -37.48 -7.35 -17.65
C TYR B 185 -38.55 -7.59 -18.69
N GLU B 186 -39.43 -8.55 -18.43
CA GLU B 186 -40.47 -8.91 -19.38
C GLU B 186 -41.64 -7.93 -19.49
N LYS B 187 -41.60 -6.85 -18.72
CA LYS B 187 -42.63 -5.81 -18.74
C LYS B 187 -42.26 -4.65 -19.63
N HIS B 188 -41.04 -4.67 -20.15
CA HIS B 188 -40.55 -3.54 -20.96
C HIS B 188 -40.04 -4.03 -22.29
N LYS B 189 -39.99 -3.13 -23.27
CA LYS B 189 -39.64 -3.53 -24.63
C LYS B 189 -38.25 -3.04 -25.00
N VAL B 190 -38.00 -1.74 -24.85
CA VAL B 190 -36.78 -1.14 -25.38
C VAL B 190 -35.70 -0.98 -24.30
N TYR B 191 -34.54 -1.57 -24.55
CA TYR B 191 -33.43 -1.50 -23.61
C TYR B 191 -32.27 -0.76 -24.27
N ALA B 192 -31.80 0.31 -23.64
CA ALA B 192 -30.82 1.17 -24.30
C ALA B 192 -29.75 1.67 -23.33
N CYS B 193 -28.51 1.75 -23.80
CA CYS B 193 -27.52 2.50 -23.05
C CYS B 193 -27.07 3.71 -23.87
N GLU B 194 -26.96 4.85 -23.20
CA GLU B 194 -26.64 6.11 -23.86
C GLU B 194 -25.29 6.61 -23.35
N VAL B 195 -24.36 6.79 -24.28
CA VAL B 195 -22.97 7.07 -23.96
C VAL B 195 -22.58 8.49 -24.34
N THR B 196 -21.94 9.20 -23.41
CA THR B 196 -21.39 10.51 -23.69
C THR B 196 -19.90 10.55 -23.36
N HIS B 197 -19.12 11.13 -24.27
CA HIS B 197 -17.66 11.12 -24.16
C HIS B 197 -17.10 12.21 -25.07
N GLN B 198 -15.88 12.69 -24.76
CA GLN B 198 -15.25 13.78 -25.50
C GLN B 198 -15.05 13.45 -26.97
N GLY B 199 -14.80 12.18 -27.25
CA GLY B 199 -14.58 11.76 -28.62
C GLY B 199 -15.83 11.72 -29.50
N LEU B 200 -17.00 11.98 -28.89
CA LEU B 200 -18.27 11.90 -29.62
C LEU B 200 -18.95 13.27 -29.74
N SER B 201 -19.21 13.68 -30.98
CA SER B 201 -19.85 14.97 -31.24
C SER B 201 -21.23 15.01 -30.60
N SER B 202 -21.89 13.85 -30.57
CA SER B 202 -23.19 13.69 -29.91
C SER B 202 -23.25 12.31 -29.25
N PRO B 203 -24.12 12.14 -28.23
CA PRO B 203 -24.27 10.85 -27.54
C PRO B 203 -24.59 9.70 -28.47
N VAL B 204 -23.97 8.55 -28.21
CA VAL B 204 -24.26 7.33 -28.96
C VAL B 204 -25.23 6.46 -28.15
N THR B 205 -26.30 6.01 -28.80
CA THR B 205 -27.23 5.07 -28.17
C THR B 205 -27.15 3.71 -28.86
N LYS B 206 -27.01 2.65 -28.05
CA LYS B 206 -27.16 1.32 -28.57
C LYS B 206 -28.35 0.70 -27.86
N SER B 207 -29.22 0.05 -28.62
CA SER B 207 -30.44 -0.49 -28.02
C SER B 207 -30.85 -1.77 -28.71
N PHE B 208 -31.77 -2.48 -28.07
CA PHE B 208 -32.40 -3.64 -28.66
C PHE B 208 -33.81 -3.69 -28.12
N ASN B 209 -34.69 -4.40 -28.82
CA ASN B 209 -36.06 -4.63 -28.35
C ASN B 209 -36.14 -6.07 -27.86
N ARG B 210 -36.72 -6.27 -26.68
CA ARG B 210 -36.78 -7.59 -26.06
C ARG B 210 -37.37 -8.69 -26.96
N GLY B 211 -38.42 -8.38 -27.69
CA GLY B 211 -38.99 -9.37 -28.58
C GLY B 211 -38.06 -9.87 -29.68
N GLU B 212 -37.19 -8.99 -30.17
CA GLU B 212 -36.37 -9.27 -31.35
C GLU B 212 -34.90 -9.52 -31.01
N ALA C 1 24.87 32.73 19.26
CA ALA C 1 25.65 31.84 18.41
C ALA C 1 26.34 30.81 19.29
N LEU C 2 27.24 31.27 20.14
CA LEU C 2 27.95 30.40 21.05
C LEU C 2 26.99 29.73 22.04
N LEU C 3 26.10 30.52 22.62
CA LEU C 3 25.22 30.01 23.69
C LEU C 3 24.31 28.88 23.21
N ASP C 4 23.87 28.99 21.96
CA ASP C 4 22.96 28.00 21.38
C ASP C 4 23.70 26.71 21.04
N GLU C 5 24.94 26.86 20.58
CA GLU C 5 25.80 25.72 20.28
C GLU C 5 26.03 24.88 21.53
N LEU C 6 26.33 25.56 22.65
CA LEU C 6 26.56 24.88 23.91
C LEU C 6 25.33 24.07 24.34
N LYS C 7 24.14 24.59 24.08
CA LYS C 7 22.92 23.88 24.45
C LYS C 7 22.73 22.57 23.68
N ALA C 8 22.97 22.62 22.37
CA ALA C 8 22.79 21.44 21.51
C ALA C 8 23.89 20.43 21.77
N LEU C 9 25.12 20.93 21.86
CA LEU C 9 26.27 20.09 22.19
C LEU C 9 26.09 19.34 23.50
N THR C 10 25.58 20.04 24.52
CA THR C 10 25.38 19.46 25.85
C THR C 10 24.28 18.39 25.86
N ALA C 11 23.21 18.64 25.11
CA ALA C 11 22.15 17.65 24.93
C ALA C 11 22.71 16.40 24.24
N GLU C 12 23.51 16.57 23.20
CA GLU C 12 24.10 15.43 22.52
C GLU C 12 25.01 14.62 23.46
N LEU C 13 25.83 15.33 24.22
CA LEU C 13 26.69 14.68 25.20
C LEU C 13 25.86 13.93 26.26
N LYS C 14 24.72 14.51 26.64
CA LYS C 14 23.84 13.85 27.61
C LYS C 14 23.36 12.48 27.11
N VAL C 15 23.02 12.39 25.83
CA VAL C 15 22.59 11.11 25.27
C VAL C 15 23.76 10.12 25.31
N TYR C 16 24.97 10.60 25.01
CA TYR C 16 26.16 9.74 25.14
C TYR C 16 26.34 9.24 26.58
N SER C 17 26.08 10.09 27.57
CA SER C 17 26.28 9.67 28.95
C SER C 17 25.25 8.62 29.33
N VAL C 18 24.01 8.81 28.89
CA VAL C 18 22.99 7.78 29.09
C VAL C 18 23.43 6.44 28.51
N ILE C 19 24.04 6.47 27.32
CA ILE C 19 24.54 5.25 26.69
C ILE C 19 25.68 4.62 27.52
N GLN C 20 26.66 5.44 27.90
CA GLN C 20 27.77 4.97 28.74
C GLN C 20 27.26 4.31 29.99
N SER C 21 26.20 4.89 30.57
CA SER C 21 25.62 4.38 31.79
C SER C 21 25.14 2.95 31.59
N GLN C 22 24.40 2.72 30.51
CA GLN C 22 23.90 1.38 30.16
C GLN C 22 25.01 0.37 29.98
N ILE C 23 26.08 0.78 29.28
CA ILE C 23 27.23 -0.07 29.07
C ILE C 23 27.93 -0.40 30.39
N ASN C 24 28.16 0.62 31.21
CA ASN C 24 28.77 0.41 32.51
C ASN C 24 27.98 -0.56 33.37
N ALA C 25 26.65 -0.44 33.35
CA ALA C 25 25.81 -1.34 34.12
C ALA C 25 25.95 -2.77 33.60
N ALA C 26 26.20 -2.91 32.30
CA ALA C 26 26.44 -4.22 31.72
C ALA C 26 27.79 -4.80 32.16
N LEU C 27 28.83 -3.96 32.12
CA LEU C 27 30.17 -4.35 32.58
C LEU C 27 30.21 -4.73 34.05
N SER C 28 29.41 -4.04 34.86
CA SER C 28 29.30 -4.33 36.28
C SER C 28 28.69 -5.68 36.59
N ALA C 29 27.69 -6.09 35.81
CA ALA C 29 27.02 -7.36 36.04
C ALA C 29 27.58 -8.51 35.20
N LYS C 30 28.70 -8.25 34.51
CA LYS C 30 29.29 -9.22 33.59
C LYS C 30 28.27 -9.68 32.56
N GLN C 31 27.57 -8.72 31.96
CA GLN C 31 26.54 -9.03 30.97
C GLN C 31 26.89 -8.41 29.64
N GLY C 32 26.39 -9.01 28.56
CA GLY C 32 26.45 -8.39 27.27
C GLY C 32 25.42 -7.27 27.19
N ILE C 33 25.44 -6.51 26.11
CA ILE C 33 24.45 -5.44 25.94
C ILE C 33 23.91 -5.44 24.51
N ARG C 34 22.58 -5.35 24.39
CA ARG C 34 21.94 -5.20 23.09
C ARG C 34 21.78 -3.71 22.82
N ILE C 35 22.13 -3.29 21.59
CA ILE C 35 21.93 -1.91 21.18
C ILE C 35 20.95 -1.81 20.00
N ASP C 36 20.19 -2.89 19.78
CA ASP C 36 19.14 -2.87 18.76
C ASP C 36 17.78 -2.79 19.44
N ALA C 37 16.76 -3.36 18.80
CA ALA C 37 15.39 -3.33 19.35
C ALA C 37 15.28 -3.96 20.73
N GLY C 38 16.18 -4.88 21.05
CA GLY C 38 16.13 -5.53 22.35
C GLY C 38 16.90 -4.80 23.45
N GLY C 39 17.44 -3.64 23.12
CA GLY C 39 18.12 -2.81 24.10
C GLY C 39 17.14 -1.73 24.52
N ILE C 40 17.62 -0.68 25.20
CA ILE C 40 16.69 0.37 25.61
C ILE C 40 16.25 1.25 24.44
N ASP C 41 15.12 1.92 24.63
CA ASP C 41 14.65 2.97 23.74
C ASP C 41 15.18 4.30 24.29
N LEU C 42 15.92 5.04 23.46
CA LEU C 42 16.51 6.30 23.93
C LEU C 42 15.51 7.45 23.91
N VAL C 43 14.39 7.24 23.23
CA VAL C 43 13.28 8.20 23.23
C VAL C 43 12.41 7.97 24.46
N ASP C 44 12.89 8.46 25.61
CA ASP C 44 12.28 8.20 26.90
C ASP C 44 12.59 9.40 27.77
N PRO C 45 11.57 10.20 28.09
CA PRO C 45 11.78 11.45 28.82
C PRO C 45 12.50 11.23 30.15
N THR C 46 12.21 10.11 30.82
CA THR C 46 12.80 9.85 32.14
C THR C 46 14.32 9.68 32.11
N LEU C 47 14.87 9.40 30.94
CA LEU C 47 16.33 9.25 30.82
C LEU C 47 17.06 10.59 30.88
N TYR C 48 16.31 11.69 30.75
CA TYR C 48 16.90 13.01 30.58
C TYR C 48 16.37 13.99 31.63
N GLY C 49 15.67 13.46 32.62
CA GLY C 49 15.22 14.26 33.75
C GLY C 49 13.79 14.77 33.64
N TYR C 50 13.05 14.28 32.66
CA TYR C 50 11.69 14.73 32.48
C TYR C 50 10.69 13.70 33.00
N ALA C 51 9.61 14.18 33.61
CA ALA C 51 8.53 13.31 34.02
C ALA C 51 7.78 12.90 32.76
N VAL C 52 7.31 11.65 32.73
CA VAL C 52 6.41 11.18 31.68
C VAL C 52 5.23 12.12 31.63
N GLY C 53 4.90 12.62 30.44
CA GLY C 53 3.79 13.55 30.31
C GLY C 53 4.15 15.02 30.38
N ASP C 54 5.36 15.32 30.83
CA ASP C 54 5.81 16.70 30.86
C ASP C 54 5.91 17.24 29.44
N PRO C 55 5.10 18.26 29.12
CA PRO C 55 5.08 18.80 27.76
C PRO C 55 6.39 19.47 27.41
N ARG C 56 7.19 19.82 28.42
CA ARG C 56 8.52 20.38 28.19
C ARG C 56 9.44 19.42 27.43
N TRP C 57 9.19 18.12 27.57
CA TRP C 57 10.00 17.09 26.92
C TRP C 57 10.10 17.28 25.40
N LYS C 58 8.97 17.52 24.74
CA LYS C 58 8.97 17.65 23.28
C LYS C 58 9.66 18.93 22.80
N ASP C 59 9.83 19.89 23.71
CA ASP C 59 10.54 21.13 23.40
C ASP C 59 12.02 21.07 23.82
N SER C 60 12.44 19.97 24.41
CA SER C 60 13.82 19.85 24.88
C SER C 60 14.79 19.72 23.71
N PRO C 61 16.06 20.11 23.91
CA PRO C 61 17.05 19.90 22.86
C PRO C 61 17.37 18.43 22.70
N GLU C 62 17.21 17.66 23.77
CA GLU C 62 17.40 16.22 23.69
C GLU C 62 16.41 15.63 22.67
N TYR C 63 15.14 15.99 22.80
CA TYR C 63 14.12 15.48 21.88
C TYR C 63 14.35 15.99 20.46
N ALA C 64 14.78 17.23 20.34
CA ALA C 64 15.04 17.80 19.03
C ALA C 64 16.12 17.00 18.30
N LEU C 65 17.16 16.65 19.02
CA LEU C 65 18.25 15.85 18.45
C LEU C 65 17.76 14.46 18.04
N LEU C 66 17.16 13.74 18.99
CA LEU C 66 16.74 12.37 18.76
C LEU C 66 15.71 12.27 17.64
N SER C 67 14.73 13.19 17.66
CA SER C 67 13.56 13.07 16.77
C SER C 67 13.86 13.44 15.34
N ASN C 68 15.04 14.03 15.12
CA ASN C 68 15.42 14.43 13.77
C ASN C 68 16.47 13.50 13.12
N LEU C 69 16.82 12.42 13.79
CA LEU C 69 17.78 11.47 13.25
C LEU C 69 17.16 10.63 12.13
N ASP C 70 17.94 10.35 11.08
CA ASP C 70 17.44 9.50 9.99
C ASP C 70 16.92 8.14 10.48
N THR C 71 17.48 7.65 11.59
CA THR C 71 17.16 6.33 12.11
C THR C 71 16.00 6.33 13.12
N PHE C 72 15.42 7.50 13.34
CA PHE C 72 14.28 7.68 14.27
C PHE C 72 12.95 7.32 13.62
N SER C 73 12.21 6.41 14.25
CA SER C 73 10.86 6.09 13.80
C SER C 73 9.89 6.09 14.96
N GLY C 74 9.88 7.19 15.70
CA GLY C 74 9.05 7.30 16.89
C GLY C 74 9.76 6.67 18.07
N LYS C 75 10.92 6.06 17.78
CA LYS C 75 11.69 5.32 18.79
C LYS C 75 13.15 5.29 18.33
N LEU C 76 14.07 4.99 19.24
CA LEU C 76 15.48 4.99 18.87
C LEU C 76 16.31 4.01 19.69
N SER C 77 16.91 3.03 19.02
CA SER C 77 17.83 2.13 19.70
C SER C 77 19.15 2.85 19.92
N ILE C 78 20.03 2.26 20.72
CA ILE C 78 21.32 2.88 20.98
C ILE C 78 22.11 2.90 19.67
N LYS C 79 21.95 1.86 18.88
CA LYS C 79 22.62 1.78 17.57
C LYS C 79 22.07 2.83 16.60
N ASP C 80 20.75 3.07 16.67
CA ASP C 80 20.15 4.08 15.82
C ASP C 80 20.76 5.44 16.12
N PHE C 81 21.02 5.70 17.40
CA PHE C 81 21.58 7.00 17.76
C PHE C 81 23.02 7.10 17.29
N LEU C 82 23.82 6.10 17.64
CA LEU C 82 25.23 6.13 17.30
C LEU C 82 25.48 6.20 15.79
N SER C 83 24.65 5.52 15.01
CA SER C 83 24.82 5.50 13.56
C SER C 83 23.97 6.53 12.84
N GLY C 84 23.12 7.25 13.59
CA GLY C 84 22.20 8.20 12.98
C GLY C 84 22.79 9.58 12.71
N SER C 85 22.13 10.32 11.82
CA SER C 85 22.48 11.69 11.48
C SER C 85 21.19 12.53 11.40
N PRO C 86 21.30 13.86 11.56
CA PRO C 86 22.54 14.61 11.81
C PRO C 86 22.85 14.73 13.30
N LYS C 87 24.13 14.58 13.63
CA LYS C 87 24.63 15.03 14.91
C LYS C 87 26.06 15.55 14.78
N GLN C 88 26.51 16.27 15.79
CA GLN C 88 27.79 16.94 15.73
C GLN C 88 28.91 15.92 15.67
N SER C 89 28.74 14.79 16.35
CA SER C 89 29.79 13.79 16.44
C SER C 89 29.80 12.80 15.27
N GLY C 90 29.04 13.10 14.22
CA GLY C 90 29.01 12.25 13.02
C GLY C 90 28.25 10.94 13.23
N GLU C 91 28.69 9.90 12.52
CA GLU C 91 28.03 8.60 12.60
C GLU C 91 29.04 7.50 12.86
N LEU C 92 28.74 6.62 13.81
CA LEU C 92 29.50 5.38 13.97
C LEU C 92 28.89 4.30 13.09
N LYS C 93 29.67 3.75 12.17
CA LYS C 93 29.13 2.79 11.22
C LYS C 93 29.64 1.37 11.46
N GLY C 94 28.86 0.37 11.07
CA GLY C 94 29.28 -1.02 11.14
C GLY C 94 29.19 -1.67 12.51
N LEU C 95 28.44 -1.07 13.42
CA LEU C 95 28.26 -1.61 14.75
C LEU C 95 27.47 -2.91 14.75
N SER C 96 27.73 -3.77 15.73
CA SER C 96 26.96 -5.00 15.93
C SER C 96 25.68 -4.73 16.71
N ASP C 97 24.64 -5.53 16.48
CA ASP C 97 23.37 -5.32 17.16
C ASP C 97 23.45 -5.64 18.65
N GLU C 98 24.49 -6.38 19.04
CA GLU C 98 24.75 -6.63 20.46
C GLU C 98 26.23 -6.96 20.71
N TYR C 99 26.65 -6.77 21.95
CA TYR C 99 28.03 -7.04 22.34
C TYR C 99 28.00 -7.94 23.57
N PRO C 100 28.54 -9.16 23.43
CA PRO C 100 28.49 -10.13 24.53
C PRO C 100 29.62 -9.93 25.52
N PHE C 101 29.42 -10.31 26.77
CA PHE C 101 30.50 -10.34 27.74
C PHE C 101 31.46 -11.50 27.45
N GLU C 102 32.76 -11.21 27.42
CA GLU C 102 33.78 -12.27 27.38
C GLU C 102 34.85 -11.98 28.41
N LYS C 103 35.51 -13.02 28.92
CA LYS C 103 36.57 -12.83 29.90
C LYS C 103 37.82 -12.27 29.24
N ASP C 104 38.05 -12.67 28.00
CA ASP C 104 39.20 -12.18 27.24
C ASP C 104 38.79 -11.10 26.25
N ASN C 105 39.47 -9.95 26.33
CA ASN C 105 39.24 -8.83 25.41
C ASN C 105 37.75 -8.52 25.23
N ASN C 106 37.08 -8.27 26.36
CA ASN C 106 35.64 -8.08 26.43
C ASN C 106 35.06 -7.14 25.34
N PRO C 107 34.18 -7.69 24.48
CA PRO C 107 33.49 -6.87 23.48
C PRO C 107 32.79 -5.66 24.08
N VAL C 108 32.10 -5.86 25.21
CA VAL C 108 31.42 -4.75 25.88
C VAL C 108 32.41 -3.67 26.26
N GLY C 109 33.61 -4.09 26.65
CA GLY C 109 34.66 -3.14 27.02
C GLY C 109 35.17 -2.38 25.81
N ASN C 110 35.32 -3.08 24.69
CA ASN C 110 35.77 -2.46 23.45
C ASN C 110 34.69 -1.54 22.89
N PHE C 111 33.45 -1.94 23.09
CA PHE C 111 32.33 -1.09 22.69
C PHE C 111 32.36 0.18 23.55
N ALA C 112 32.66 0.03 24.84
CA ALA C 112 32.68 1.18 25.73
C ALA C 112 33.70 2.22 25.28
N THR C 113 34.90 1.76 24.93
CA THR C 113 35.94 2.68 24.50
C THR C 113 35.66 3.27 23.11
N THR C 114 35.01 2.49 22.25
CA THR C 114 34.57 3.00 20.96
C THR C 114 33.62 4.19 21.14
N VAL C 115 32.69 4.05 22.08
CA VAL C 115 31.72 5.11 22.34
C VAL C 115 32.38 6.31 23.01
N SER C 116 33.16 6.06 24.06
CA SER C 116 33.86 7.16 24.75
C SER C 116 34.86 7.88 23.84
N ASP C 117 35.50 7.17 22.92
CA ASP C 117 36.43 7.81 21.99
C ASP C 117 35.67 8.77 21.09
N ARG C 118 34.44 8.41 20.75
CA ARG C 118 33.60 9.20 19.85
C ARG C 118 33.04 10.43 20.55
N SER C 119 32.70 10.27 21.82
CA SER C 119 32.15 11.41 22.58
C SER C 119 33.23 12.37 23.14
N ARG C 120 34.47 11.91 23.27
CA ARG C 120 35.57 12.77 23.79
C ARG C 120 35.71 14.16 23.11
N PRO C 121 35.71 14.23 21.78
CA PRO C 121 35.86 15.56 21.17
C PRO C 121 34.67 16.46 21.47
N LEU C 122 33.50 15.83 21.57
CA LEU C 122 32.27 16.54 21.87
C LEU C 122 32.40 17.15 23.27
N ASN C 123 32.89 16.34 24.19
CA ASN C 123 33.10 16.77 25.57
C ASN C 123 34.13 17.90 25.66
N ASP C 124 35.19 17.79 24.88
CA ASP C 124 36.21 18.82 24.81
C ASP C 124 35.62 20.15 24.39
N LYS C 125 34.82 20.12 23.32
CA LYS C 125 34.17 21.33 22.81
C LYS C 125 33.27 21.95 23.88
N VAL C 126 32.51 21.11 24.56
CA VAL C 126 31.59 21.58 25.60
C VAL C 126 32.36 22.24 26.75
N ASN C 127 33.42 21.59 27.21
CA ASN C 127 34.28 22.15 28.25
C ASN C 127 34.86 23.49 27.81
N GLU C 128 35.32 23.53 26.56
CA GLU C 128 36.04 24.69 26.04
C GLU C 128 35.10 25.87 25.75
N LYS C 129 33.88 25.58 25.31
CA LYS C 129 32.88 26.63 25.11
C LYS C 129 32.34 27.11 26.46
N THR C 130 32.17 26.18 27.39
CA THR C 130 31.81 26.54 28.76
C THR C 130 32.94 27.35 29.38
N THR C 131 34.18 26.99 29.04
CA THR C 131 35.34 27.63 29.64
C THR C 131 35.49 29.10 29.23
N LEU C 132 34.95 29.48 28.06
CA LEU C 132 34.95 30.91 27.75
C LEU C 132 33.59 31.57 28.02
N LEU C 133 33.01 31.18 29.16
CA LEU C 133 31.98 31.96 29.87
C LEU C 133 31.84 31.53 31.32
N ASN C 134 31.94 32.49 32.22
CA ASN C 134 31.95 32.22 33.64
C ASN C 134 31.34 33.38 34.45
#